data_6SU4
#
_entry.id   6SU4
#
_cell.length_a   56.177
_cell.length_b   60.744
_cell.length_c   92.913
_cell.angle_alpha   90.000
_cell.angle_beta   92.020
_cell.angle_gamma   90.000
#
_symmetry.space_group_name_H-M   'P 1 21 1'
#
loop_
_entity.id
_entity.type
_entity.pdbx_description
1 polymer '48C12 heliorhodopsin'
2 non-polymer 'ACETATE ION'
3 non-polymer 'OLEIC ACID'
4 non-polymer GLYCEROL
5 non-polymer '(2R)-2,3-dihydroxypropyl (9Z)-octadec-9-enoate'
6 non-polymer EICOSANE
7 non-polymer 'SULFATE ION'
8 non-polymer RETINAL
9 water water
#
_entity_poly.entity_id   1
_entity_poly.type   'polypeptide(L)'
_entity_poly.pdbx_seq_one_letter_code
;MAKPTVKEIKSLQNFNRIAGVFHLLQMLAVLALANDFALPMTGTYLNGPPGTTFSAPVVILETPVGLAVALFLGLSALFH
FIVSSGNFFKRYSASLMKNQNIFRWVEYSLSSSVMIVLIAQICGIADIVALLAIFGVNASMILFGWLQEKYTQPKDGDLL
PFWFGCIAGIVPWIGLLIYVIAPGSTSDVAVPGFVYGIIISLFLFFNSFALVQYLQYKGKGKWSNYLRGERAYIVLSLVA
KSALAWQIFSGTLIPALEHHHHHH
;
_entity_poly.pdbx_strand_id   X,A
#
# COMPACT_ATOMS: atom_id res chain seq x y z
N LYS A 3 18.36 -13.46 -27.51
CA LYS A 3 17.39 -14.59 -27.35
C LYS A 3 17.93 -15.60 -26.36
N PRO A 4 17.15 -15.96 -25.31
CA PRO A 4 17.61 -16.93 -24.31
C PRO A 4 17.65 -18.36 -24.89
N THR A 5 18.82 -19.02 -24.82
CA THR A 5 19.05 -20.39 -25.34
C THR A 5 18.52 -21.42 -24.35
N VAL A 6 18.61 -22.70 -24.69
CA VAL A 6 18.12 -23.85 -23.87
C VAL A 6 19.11 -24.11 -22.73
N LYS A 7 20.41 -24.02 -23.02
CA LYS A 7 21.50 -24.23 -22.01
C LYS A 7 21.36 -23.18 -20.91
N GLU A 8 21.19 -21.91 -21.29
CA GLU A 8 21.08 -20.75 -20.36
C GLU A 8 19.88 -20.95 -19.43
N ILE A 9 18.70 -21.26 -20.00
CA ILE A 9 17.45 -21.47 -19.23
C ILE A 9 17.67 -22.64 -18.26
N LYS A 10 18.24 -23.75 -18.75
CA LYS A 10 18.47 -24.98 -17.93
C LYS A 10 19.38 -24.63 -16.75
N SER A 11 20.43 -23.83 -16.98
CA SER A 11 21.36 -23.33 -15.94
C SER A 11 20.59 -22.50 -14.90
N LEU A 12 19.67 -21.65 -15.34
CA LEU A 12 18.85 -20.81 -14.42
C LEU A 12 17.92 -21.71 -13.60
N GLN A 13 17.33 -22.73 -14.23
CA GLN A 13 16.48 -23.72 -13.52
C GLN A 13 17.32 -24.39 -12.44
N ASN A 14 18.56 -24.76 -12.75
CA ASN A 14 19.49 -25.42 -11.79
C ASN A 14 19.74 -24.49 -10.60
N PHE A 15 19.97 -23.21 -10.87
CA PHE A 15 20.25 -22.19 -9.82
C PHE A 15 19.00 -22.03 -8.94
N ASN A 16 17.81 -21.97 -9.54
CA ASN A 16 16.52 -21.96 -8.79
C ASN A 16 16.49 -23.15 -7.83
N ARG A 17 16.83 -24.35 -8.32
CA ARG A 17 16.79 -25.58 -7.51
C ARG A 17 17.74 -25.42 -6.31
N ILE A 18 18.97 -24.95 -6.56
CA ILE A 18 20.01 -24.76 -5.51
C ILE A 18 19.48 -23.80 -4.44
N ALA A 19 18.94 -22.65 -4.85
CA ALA A 19 18.32 -21.68 -3.93
C ALA A 19 17.23 -22.38 -3.10
N GLY A 20 16.39 -23.19 -3.75
CA GLY A 20 15.28 -23.92 -3.08
C GLY A 20 15.81 -24.84 -1.99
N VAL A 21 16.88 -25.57 -2.27
CA VAL A 21 17.42 -26.55 -1.30
C VAL A 21 17.97 -25.78 -0.09
N PHE A 22 18.72 -24.70 -0.32
CA PHE A 22 19.26 -23.86 0.77
C PHE A 22 18.11 -23.40 1.67
N HIS A 23 17.04 -22.89 1.09
CA HIS A 23 15.92 -22.29 1.88
C HIS A 23 15.14 -23.40 2.58
N LEU A 24 14.98 -24.56 1.92
CA LEU A 24 14.26 -25.70 2.52
C LEU A 24 15.03 -26.20 3.77
N LEU A 25 16.36 -26.31 3.66
CA LEU A 25 17.20 -26.80 4.79
CA LEU A 25 17.22 -26.80 4.79
C LEU A 25 17.18 -25.77 5.92
N GLN A 26 17.24 -24.47 5.60
N GLN A 26 17.22 -24.48 5.59
CA GLN A 26 17.19 -23.40 6.62
CA GLN A 26 17.19 -23.40 6.61
C GLN A 26 15.81 -23.41 7.29
C GLN A 26 15.81 -23.40 7.29
N MET A 27 14.75 -23.61 6.50
CA MET A 27 13.36 -23.75 7.01
CA MET A 27 13.36 -23.75 7.01
C MET A 27 13.30 -24.89 8.02
N LEU A 28 13.85 -26.06 7.68
CA LEU A 28 13.88 -27.20 8.61
C LEU A 28 14.61 -26.80 9.89
N ALA A 29 15.79 -26.20 9.75
CA ALA A 29 16.66 -25.82 10.89
C ALA A 29 15.88 -24.88 11.82
N VAL A 30 15.17 -23.90 11.28
CA VAL A 30 14.43 -22.91 12.10
C VAL A 30 13.27 -23.63 12.81
N LEU A 31 12.51 -24.44 12.09
CA LEU A 31 11.35 -25.17 12.67
C LEU A 31 11.84 -26.04 13.83
N ALA A 32 12.97 -26.72 13.65
CA ALA A 32 13.53 -27.66 14.66
C ALA A 32 14.08 -26.90 15.86
N LEU A 33 14.86 -25.84 15.65
CA LEU A 33 15.76 -25.27 16.68
C LEU A 33 15.12 -24.04 17.36
N ALA A 34 14.20 -23.34 16.69
CA ALA A 34 13.67 -22.05 17.19
C ALA A 34 12.87 -22.27 18.49
N ASN A 35 12.99 -21.33 19.43
CA ASN A 35 12.13 -21.25 20.64
C ASN A 35 10.74 -20.71 20.23
N ASP A 36 9.87 -20.48 21.20
CA ASP A 36 8.45 -20.10 20.93
CA ASP A 36 8.45 -20.10 20.96
C ASP A 36 8.29 -18.58 21.05
N PHE A 37 9.37 -17.83 20.85
CA PHE A 37 9.37 -16.33 20.85
C PHE A 37 8.21 -15.84 19.96
N ALA A 38 7.44 -14.88 20.46
CA ALA A 38 6.23 -14.37 19.79
C ALA A 38 6.22 -12.84 19.90
N LEU A 39 5.66 -12.17 18.89
CA LEU A 39 5.56 -10.69 18.89
C LEU A 39 4.09 -10.32 18.70
N PRO A 40 3.58 -9.38 19.52
CA PRO A 40 2.15 -9.11 19.55
C PRO A 40 1.62 -8.26 18.39
N MET A 41 0.39 -8.55 17.99
CA MET A 41 -0.43 -7.62 17.18
C MET A 41 -1.52 -7.08 18.10
N THR A 42 -1.65 -5.75 18.16
CA THR A 42 -2.45 -5.06 19.19
C THR A 42 -3.58 -4.24 18.56
N GLY A 43 -4.61 -3.99 19.36
CA GLY A 43 -5.64 -2.97 19.10
C GLY A 43 -5.67 -2.00 20.25
N THR A 44 -5.66 -0.70 19.95
CA THR A 44 -5.71 0.38 20.95
C THR A 44 -6.99 1.16 20.69
N TYR A 45 -8.09 0.72 21.30
CA TYR A 45 -9.45 1.10 20.89
C TYR A 45 -9.90 2.34 21.65
N LEU A 46 -10.73 3.15 21.01
CA LEU A 46 -11.39 4.28 21.70
C LEU A 46 -12.18 3.73 22.90
N ASN A 47 -12.16 4.47 23.99
CA ASN A 47 -12.90 4.14 25.25
C ASN A 47 -14.06 5.13 25.40
N GLY A 48 -14.45 5.74 24.28
CA GLY A 48 -15.53 6.72 24.16
C GLY A 48 -15.60 7.21 22.72
N PRO A 49 -16.33 8.32 22.45
CA PRO A 49 -16.40 8.88 21.11
C PRO A 49 -15.05 9.35 20.59
N PRO A 50 -14.90 9.53 19.26
CA PRO A 50 -13.66 10.06 18.71
C PRO A 50 -13.33 11.37 19.41
N GLY A 51 -12.04 11.58 19.69
CA GLY A 51 -11.51 12.82 20.30
C GLY A 51 -11.54 12.76 21.81
N THR A 52 -11.90 11.61 22.40
CA THR A 52 -11.87 11.43 23.88
C THR A 52 -10.61 10.65 24.24
N THR A 53 -10.74 9.48 24.87
CA THR A 53 -9.59 8.72 25.42
C THR A 53 -9.60 7.30 24.88
N PHE A 54 -8.48 6.61 25.03
CA PHE A 54 -8.25 5.24 24.53
C PHE A 54 -8.12 4.26 25.70
N SER A 55 -8.58 3.04 25.48
CA SER A 55 -8.24 1.88 26.33
C SER A 55 -6.74 1.59 26.17
N ALA A 56 -6.14 0.90 27.13
CA ALA A 56 -4.77 0.36 27.00
C ALA A 56 -4.73 -0.55 25.77
N PRO A 57 -3.58 -0.63 25.06
CA PRO A 57 -3.44 -1.60 23.97
C PRO A 57 -3.76 -3.00 24.49
N VAL A 58 -4.47 -3.80 23.69
CA VAL A 58 -4.76 -5.22 24.00
C VAL A 58 -4.09 -6.08 22.91
N VAL A 59 -3.61 -7.26 23.29
CA VAL A 59 -3.02 -8.23 22.32
C VAL A 59 -4.17 -8.98 21.64
N ILE A 60 -4.26 -8.86 20.33
CA ILE A 60 -5.29 -9.56 19.51
C ILE A 60 -4.75 -10.96 19.17
N LEU A 61 -3.49 -11.02 18.76
CA LEU A 61 -2.82 -12.31 18.49
C LEU A 61 -1.31 -12.14 18.61
N GLU A 62 -0.60 -13.26 18.64
CA GLU A 62 0.87 -13.31 18.77
C GLU A 62 1.42 -13.95 17.50
N THR A 63 2.34 -13.28 16.84
CA THR A 63 3.09 -13.84 15.70
C THR A 63 4.08 -14.86 16.25
N PRO A 64 3.96 -16.15 15.87
CA PRO A 64 4.97 -17.15 16.20
C PRO A 64 6.16 -16.93 15.27
N VAL A 65 7.24 -16.36 15.79
CA VAL A 65 8.32 -15.77 14.95
C VAL A 65 9.04 -16.91 14.21
N GLY A 66 9.34 -18.02 14.90
CA GLY A 66 9.99 -19.18 14.26
C GLY A 66 9.18 -19.65 13.06
N LEU A 67 7.88 -19.86 13.25
CA LEU A 67 6.98 -20.34 12.18
C LEU A 67 6.94 -19.31 11.05
N ALA A 68 6.92 -18.01 11.36
CA ALA A 68 6.84 -16.95 10.34
C ALA A 68 8.14 -16.90 9.50
N VAL A 69 9.28 -17.10 10.13
CA VAL A 69 10.59 -17.21 9.42
C VAL A 69 10.54 -18.44 8.52
N ALA A 70 10.10 -19.58 9.05
CA ALA A 70 9.96 -20.83 8.28
C ALA A 70 9.06 -20.57 7.07
N LEU A 71 8.01 -19.77 7.24
CA LEU A 71 7.02 -19.48 6.17
C LEU A 71 7.70 -18.76 5.00
N PHE A 72 8.48 -17.70 5.23
CA PHE A 72 9.08 -16.96 4.09
C PHE A 72 10.16 -17.83 3.43
N LEU A 73 10.88 -18.65 4.21
CA LEU A 73 11.85 -19.60 3.64
C LEU A 73 11.11 -20.66 2.81
N GLY A 74 10.02 -21.21 3.34
CA GLY A 74 9.21 -22.25 2.67
C GLY A 74 8.57 -21.75 1.39
N LEU A 75 8.04 -20.53 1.39
CA LEU A 75 7.46 -19.92 0.16
C LEU A 75 8.55 -19.83 -0.90
N SER A 76 9.74 -19.36 -0.54
CA SER A 76 10.90 -19.28 -1.46
C SER A 76 11.21 -20.68 -2.03
N ALA A 77 11.37 -21.68 -1.17
CA ALA A 77 11.68 -23.07 -1.60
C ALA A 77 10.60 -23.52 -2.61
N LEU A 78 9.33 -23.32 -2.27
CA LEU A 78 8.19 -23.84 -3.08
C LEU A 78 8.30 -23.29 -4.51
N PHE A 79 8.42 -21.97 -4.65
CA PHE A 79 8.36 -21.31 -5.99
C PHE A 79 9.67 -21.55 -6.75
N HIS A 80 10.81 -21.59 -6.06
CA HIS A 80 12.11 -21.90 -6.72
C HIS A 80 12.04 -23.32 -7.29
N PHE A 81 11.42 -24.26 -6.58
CA PHE A 81 11.28 -25.67 -7.02
C PHE A 81 10.31 -25.74 -8.19
N ILE A 82 9.20 -25.00 -8.12
CA ILE A 82 8.18 -24.99 -9.22
C ILE A 82 8.90 -24.56 -10.52
N VAL A 83 9.64 -23.45 -10.47
CA VAL A 83 10.25 -22.82 -11.68
C VAL A 83 11.37 -23.74 -12.21
N SER A 84 12.02 -24.51 -11.33
CA SER A 84 13.19 -25.35 -11.66
C SER A 84 12.76 -26.62 -12.41
N SER A 85 11.47 -26.99 -12.35
CA SER A 85 10.95 -28.29 -12.84
CA SER A 85 10.97 -28.30 -12.83
C SER A 85 11.04 -28.37 -14.37
N GLY A 86 11.36 -29.56 -14.89
CA GLY A 86 11.35 -29.84 -16.35
C GLY A 86 9.97 -29.61 -16.92
N ASN A 87 8.93 -29.92 -16.14
CA ASN A 87 7.50 -29.74 -16.51
C ASN A 87 7.24 -28.26 -16.82
N PHE A 88 7.98 -27.35 -16.20
CA PHE A 88 7.74 -25.89 -16.27
C PHE A 88 8.72 -25.22 -17.25
N PHE A 89 9.66 -25.98 -17.81
CA PHE A 89 10.73 -25.45 -18.70
C PHE A 89 10.11 -24.59 -19.80
N LYS A 90 9.02 -25.07 -20.42
CA LYS A 90 8.38 -24.42 -21.60
C LYS A 90 7.81 -23.06 -21.19
N ARG A 91 7.06 -23.02 -20.08
CA ARG A 91 6.44 -21.77 -19.55
C ARG A 91 7.54 -20.82 -19.07
N TYR A 92 8.59 -21.35 -18.42
CA TYR A 92 9.74 -20.56 -17.91
C TYR A 92 10.44 -19.91 -19.10
N SER A 93 10.77 -20.71 -20.11
CA SER A 93 11.48 -20.28 -21.35
C SER A 93 10.66 -19.18 -22.04
N ALA A 94 9.36 -19.39 -22.21
CA ALA A 94 8.41 -18.48 -22.88
C ALA A 94 8.37 -17.14 -22.14
N SER A 95 8.26 -17.18 -20.81
CA SER A 95 8.22 -15.98 -19.94
C SER A 95 9.53 -15.20 -20.08
N LEU A 96 10.68 -15.86 -19.95
CA LEU A 96 12.01 -15.20 -20.05
C LEU A 96 12.17 -14.56 -21.44
N MET A 97 11.64 -15.19 -22.49
CA MET A 97 11.65 -14.67 -23.89
C MET A 97 10.93 -13.32 -23.94
N LYS A 98 9.95 -13.12 -23.05
CA LYS A 98 9.12 -11.89 -22.96
C LYS A 98 9.62 -11.02 -21.80
N ASN A 99 10.77 -11.35 -21.22
CA ASN A 99 11.43 -10.56 -20.15
C ASN A 99 10.48 -10.51 -18.94
N GLN A 100 9.90 -11.66 -18.59
CA GLN A 100 8.94 -11.79 -17.46
C GLN A 100 9.31 -13.00 -16.62
N ASN A 101 9.06 -12.93 -15.30
CA ASN A 101 9.02 -14.11 -14.41
C ASN A 101 7.90 -13.86 -13.38
N ILE A 102 6.70 -14.34 -13.70
CA ILE A 102 5.48 -14.06 -12.90
C ILE A 102 5.55 -14.84 -11.57
N PHE A 103 6.09 -16.06 -11.57
CA PHE A 103 6.18 -16.87 -10.33
C PHE A 103 7.06 -16.14 -9.31
N ARG A 104 8.08 -15.42 -9.78
CA ARG A 104 8.95 -14.61 -8.91
C ARG A 104 8.07 -13.61 -8.15
N TRP A 105 7.22 -12.87 -8.86
CA TRP A 105 6.41 -11.80 -8.22
C TRP A 105 5.35 -12.44 -7.31
N VAL A 106 4.75 -13.54 -7.72
CA VAL A 106 3.77 -14.25 -6.86
C VAL A 106 4.46 -14.59 -5.54
N GLU A 107 5.64 -15.20 -5.60
CA GLU A 107 6.39 -15.59 -4.38
C GLU A 107 6.69 -14.33 -3.57
N TYR A 108 7.33 -13.34 -4.19
CA TYR A 108 7.80 -12.13 -3.46
C TYR A 108 6.63 -11.41 -2.79
N SER A 109 5.47 -11.36 -3.45
CA SER A 109 4.29 -10.61 -2.96
C SER A 109 3.91 -11.15 -1.58
N LEU A 110 4.17 -12.43 -1.34
CA LEU A 110 3.86 -13.09 -0.06
C LEU A 110 5.09 -13.07 0.85
N SER A 111 6.24 -13.53 0.38
CA SER A 111 7.42 -13.80 1.23
C SER A 111 8.03 -12.48 1.72
N SER A 112 8.21 -11.50 0.84
CA SER A 112 8.82 -10.20 1.23
C SER A 112 7.87 -9.44 2.15
N SER A 113 6.56 -9.65 2.01
CA SER A 113 5.54 -9.00 2.86
C SER A 113 5.57 -9.61 4.27
N VAL A 114 5.72 -10.93 4.37
CA VAL A 114 5.93 -11.59 5.69
C VAL A 114 7.20 -11.01 6.32
N MET A 115 8.27 -10.87 5.55
CA MET A 115 9.58 -10.40 6.06
C MET A 115 9.47 -8.98 6.63
N ILE A 116 8.85 -8.05 5.90
CA ILE A 116 8.81 -6.63 6.35
C ILE A 116 7.87 -6.53 7.56
N VAL A 117 6.82 -7.34 7.64
CA VAL A 117 5.96 -7.36 8.85
C VAL A 117 6.80 -7.82 10.05
N LEU A 118 7.58 -8.91 9.91
CA LEU A 118 8.45 -9.38 11.02
C LEU A 118 9.43 -8.28 11.42
N ILE A 119 10.05 -7.62 10.46
CA ILE A 119 11.02 -6.53 10.77
C ILE A 119 10.28 -5.43 11.55
N ALA A 120 9.09 -5.04 11.11
CA ALA A 120 8.27 -4.01 11.79
C ALA A 120 8.03 -4.46 13.24
N GLN A 121 7.64 -5.71 13.45
CA GLN A 121 7.30 -6.21 14.82
C GLN A 121 8.58 -6.21 15.68
N ILE A 122 9.73 -6.58 15.12
CA ILE A 122 11.02 -6.61 15.86
C ILE A 122 11.39 -5.18 16.29
N CYS A 123 10.96 -4.18 15.51
CA CYS A 123 11.16 -2.73 15.83
C CYS A 123 10.13 -2.23 16.84
N GLY A 124 9.14 -3.04 17.19
CA GLY A 124 8.11 -2.68 18.19
C GLY A 124 6.81 -2.22 17.59
N ILE A 125 6.68 -2.17 16.26
CA ILE A 125 5.38 -1.88 15.61
C ILE A 125 4.45 -3.06 15.90
N ALA A 126 3.29 -2.82 16.50
CA ALA A 126 2.40 -3.89 16.98
C ALA A 126 0.96 -3.68 16.51
N ASP A 127 0.55 -2.44 16.29
CA ASP A 127 -0.85 -2.16 15.88
C ASP A 127 -1.19 -3.07 14.69
N ILE A 128 -2.28 -3.83 14.80
CA ILE A 128 -2.63 -4.84 13.77
C ILE A 128 -2.91 -4.13 12.44
N VAL A 129 -3.42 -2.90 12.44
CA VAL A 129 -3.71 -2.20 11.15
C VAL A 129 -2.38 -1.70 10.56
N ALA A 130 -1.43 -1.28 11.40
CA ALA A 130 -0.08 -0.93 10.91
C ALA A 130 0.50 -2.14 10.18
N LEU A 131 0.41 -3.33 10.78
CA LEU A 131 1.05 -4.53 10.20
C LEU A 131 0.30 -4.97 8.94
N LEU A 132 -1.03 -4.96 8.98
CA LEU A 132 -1.86 -5.30 7.80
C LEU A 132 -1.52 -4.34 6.65
N ALA A 133 -1.48 -3.03 6.90
CA ALA A 133 -1.27 -2.02 5.83
C ALA A 133 0.18 -2.08 5.35
N ILE A 134 1.13 -2.41 6.22
CA ILE A 134 2.54 -2.64 5.78
C ILE A 134 2.54 -3.84 4.83
N PHE A 135 1.84 -4.92 5.18
CA PHE A 135 1.77 -6.12 4.32
C PHE A 135 1.21 -5.69 2.95
N GLY A 136 0.09 -4.97 2.96
CA GLY A 136 -0.62 -4.53 1.74
C GLY A 136 0.23 -3.63 0.86
N VAL A 137 0.92 -2.64 1.43
CA VAL A 137 1.68 -1.64 0.62
C VAL A 137 2.94 -2.32 0.10
N ASN A 138 3.53 -3.23 0.88
CA ASN A 138 4.70 -4.01 0.42
C ASN A 138 4.28 -4.94 -0.72
N ALA A 139 3.16 -5.65 -0.57
CA ALA A 139 2.61 -6.46 -1.68
C ALA A 139 2.42 -5.58 -2.91
N SER A 140 1.92 -4.36 -2.73
CA SER A 140 1.64 -3.43 -3.86
C SER A 140 2.96 -3.12 -4.58
N MET A 141 4.02 -2.85 -3.84
CA MET A 141 5.38 -2.63 -4.42
C MET A 141 5.71 -3.77 -5.39
N ILE A 142 5.53 -5.01 -4.96
CA ILE A 142 5.83 -6.20 -5.81
C ILE A 142 4.92 -6.19 -7.03
N LEU A 143 3.63 -5.93 -6.83
CA LEU A 143 2.64 -5.98 -7.95
C LEU A 143 2.97 -4.91 -8.98
N PHE A 144 3.51 -3.75 -8.57
CA PHE A 144 3.98 -2.72 -9.52
C PHE A 144 5.15 -3.26 -10.34
N GLY A 145 6.08 -3.97 -9.70
CA GLY A 145 7.20 -4.60 -10.42
C GLY A 145 6.72 -5.62 -11.44
N TRP A 146 5.67 -6.37 -11.10
CA TRP A 146 5.01 -7.34 -12.01
C TRP A 146 4.46 -6.57 -13.22
N LEU A 147 3.78 -5.44 -13.01
CA LEU A 147 3.19 -4.65 -14.12
C LEU A 147 4.30 -4.02 -14.97
N GLN A 148 5.42 -3.62 -14.38
CA GLN A 148 6.60 -3.15 -15.16
C GLN A 148 6.96 -4.24 -16.19
N GLU A 149 7.07 -5.51 -15.77
CA GLU A 149 7.45 -6.63 -16.68
C GLU A 149 6.31 -6.91 -17.66
N LYS A 150 5.06 -6.81 -17.21
CA LYS A 150 3.91 -7.21 -18.07
C LYS A 150 3.79 -6.23 -19.24
N TYR A 151 3.95 -4.92 -19.01
CA TYR A 151 3.52 -3.89 -19.98
C TYR A 151 4.67 -3.15 -20.66
N THR A 152 5.91 -3.27 -20.17
CA THR A 152 7.08 -2.59 -20.80
C THR A 152 8.09 -3.63 -21.27
N GLN A 153 9.06 -3.21 -22.07
CA GLN A 153 10.27 -4.01 -22.38
C GLN A 153 11.48 -3.16 -22.07
N PRO A 154 12.62 -3.80 -21.71
CA PRO A 154 13.86 -3.07 -21.49
C PRO A 154 14.17 -2.12 -22.65
N LYS A 155 14.63 -0.91 -22.33
CA LYS A 155 15.16 0.10 -23.28
C LYS A 155 14.04 0.82 -24.02
N ASP A 156 12.78 0.66 -23.58
CA ASP A 156 11.60 1.32 -24.22
C ASP A 156 11.34 2.68 -23.58
N GLY A 157 12.12 3.04 -22.54
CA GLY A 157 12.11 4.37 -21.91
C GLY A 157 11.00 4.55 -20.88
N ASP A 158 10.26 3.48 -20.55
CA ASP A 158 9.07 3.56 -19.68
C ASP A 158 9.35 2.85 -18.34
N LEU A 159 9.49 3.63 -17.26
CA LEU A 159 9.71 3.10 -15.89
C LEU A 159 8.54 3.49 -14.97
N LEU A 160 7.35 3.82 -15.49
CA LEU A 160 6.29 4.36 -14.61
C LEU A 160 5.92 3.32 -13.54
N PRO A 161 5.63 2.04 -13.89
CA PRO A 161 5.24 1.06 -12.88
C PRO A 161 6.36 0.92 -11.83
N PHE A 162 7.60 0.90 -12.29
CA PHE A 162 8.79 0.80 -11.41
C PHE A 162 8.76 1.93 -10.37
N TRP A 163 8.54 3.17 -10.82
CA TRP A 163 8.55 4.33 -9.91
C TRP A 163 7.38 4.22 -8.92
N PHE A 164 6.21 3.79 -9.37
CA PHE A 164 5.06 3.54 -8.47
C PHE A 164 5.48 2.50 -7.42
N GLY A 165 6.20 1.46 -7.86
CA GLY A 165 6.70 0.42 -6.95
C GLY A 165 7.61 1.01 -5.88
N CYS A 166 8.46 1.95 -6.26
CA CYS A 166 9.38 2.63 -5.30
C CYS A 166 8.55 3.44 -4.29
N ILE A 167 7.49 4.12 -4.76
CA ILE A 167 6.65 4.97 -3.87
C ILE A 167 5.99 4.06 -2.82
N ALA A 168 5.37 2.96 -3.25
CA ALA A 168 4.74 2.00 -2.33
C ALA A 168 5.83 1.38 -1.43
N GLY A 169 6.94 0.97 -2.03
CA GLY A 169 7.98 0.17 -1.37
C GLY A 169 8.65 0.90 -0.24
N ILE A 170 8.77 2.23 -0.32
CA ILE A 170 9.54 3.02 0.69
C ILE A 170 8.69 3.21 1.96
N VAL A 171 7.36 3.05 1.86
CA VAL A 171 6.43 3.41 2.96
C VAL A 171 6.75 2.61 4.23
N PRO A 172 6.91 1.26 4.20
CA PRO A 172 7.18 0.53 5.44
C PRO A 172 8.48 1.01 6.11
N TRP A 173 9.47 1.38 5.31
CA TRP A 173 10.82 1.79 5.77
C TRP A 173 10.74 3.17 6.42
N ILE A 174 9.92 4.08 5.90
CA ILE A 174 9.63 5.35 6.60
C ILE A 174 9.00 5.02 7.97
N GLY A 175 8.08 4.05 7.99
CA GLY A 175 7.47 3.55 9.23
C GLY A 175 8.51 3.09 10.24
N LEU A 176 9.43 2.22 9.81
CA LEU A 176 10.53 1.72 10.68
C LEU A 176 11.35 2.90 11.21
N LEU A 177 11.73 3.84 10.33
CA LEU A 177 12.59 4.98 10.72
C LEU A 177 11.88 5.79 11.81
N ILE A 178 10.57 6.02 11.66
CA ILE A 178 9.77 6.77 12.66
C ILE A 178 9.87 6.04 14.01
N TYR A 179 9.71 4.72 14.01
CA TYR A 179 9.69 3.91 15.26
C TYR A 179 11.08 3.88 15.89
N VAL A 180 12.16 3.84 15.11
CA VAL A 180 13.52 3.79 15.72
C VAL A 180 13.88 5.18 16.25
N ILE A 181 13.44 6.26 15.59
CA ILE A 181 13.63 7.65 16.10
C ILE A 181 12.77 7.82 17.37
N ALA A 182 11.56 7.27 17.36
CA ALA A 182 10.62 7.22 18.51
C ALA A 182 10.33 8.64 19.01
N PRO A 183 9.80 9.52 18.14
CA PRO A 183 9.43 10.86 18.56
C PRO A 183 8.43 10.84 19.73
N GLY A 184 8.69 11.65 20.76
CA GLY A 184 7.86 11.74 21.98
C GLY A 184 8.14 10.65 22.99
N SER A 185 9.09 9.73 22.73
CA SER A 185 9.40 8.58 23.62
C SER A 185 9.79 9.10 25.01
N THR A 186 9.36 8.39 26.07
CA THR A 186 9.67 8.69 27.49
C THR A 186 10.85 7.84 27.98
N SER A 187 11.01 6.63 27.44
CA SER A 187 12.04 5.65 27.87
C SER A 187 13.42 6.07 27.34
N ASP A 188 14.47 5.71 28.06
CA ASP A 188 15.88 6.01 27.68
CA ASP A 188 15.89 6.00 27.70
C ASP A 188 16.53 4.73 27.12
N VAL A 189 15.74 3.65 27.01
CA VAL A 189 16.19 2.34 26.45
C VAL A 189 16.56 2.55 24.98
N ALA A 190 17.74 2.04 24.58
CA ALA A 190 18.26 2.09 23.20
C ALA A 190 17.64 0.94 22.39
N VAL A 191 17.40 1.16 21.10
CA VAL A 191 17.11 0.09 20.11
C VAL A 191 18.28 -0.88 20.13
N PRO A 192 18.07 -2.20 20.28
CA PRO A 192 19.19 -3.14 20.33
C PRO A 192 20.01 -3.14 19.04
N GLY A 193 21.33 -3.35 19.16
CA GLY A 193 22.25 -3.45 18.02
C GLY A 193 21.76 -4.43 16.97
N PHE A 194 21.23 -5.58 17.37
CA PHE A 194 20.86 -6.65 16.41
C PHE A 194 19.65 -6.17 15.59
N VAL A 195 18.83 -5.31 16.16
CA VAL A 195 17.64 -4.72 15.47
C VAL A 195 18.14 -3.73 14.42
N TYR A 196 19.07 -2.84 14.76
CA TYR A 196 19.72 -1.93 13.78
C TYR A 196 20.33 -2.78 12.65
N GLY A 197 21.01 -3.88 12.99
CA GLY A 197 21.61 -4.79 11.99
C GLY A 197 20.56 -5.27 11.00
N ILE A 198 19.43 -5.74 11.52
CA ILE A 198 18.32 -6.25 10.69
C ILE A 198 17.81 -5.13 9.78
N ILE A 199 17.47 -3.96 10.33
CA ILE A 199 16.85 -2.85 9.56
CA ILE A 199 16.82 -2.92 9.50
C ILE A 199 17.82 -2.40 8.46
N ILE A 200 19.07 -2.17 8.84
CA ILE A 200 20.06 -1.61 7.88
C ILE A 200 20.38 -2.64 6.79
N SER A 201 20.67 -3.90 7.14
CA SER A 201 21.04 -4.93 6.14
C SER A 201 19.84 -5.20 5.22
N LEU A 202 18.63 -5.31 5.76
CA LEU A 202 17.48 -5.66 4.87
C LEU A 202 17.05 -4.43 4.06
N PHE A 203 17.25 -3.21 4.56
CA PHE A 203 17.01 -1.99 3.76
C PHE A 203 17.92 -2.04 2.52
N LEU A 204 19.20 -2.36 2.72
CA LEU A 204 20.16 -2.49 1.61
CA LEU A 204 20.18 -2.50 1.62
C LEU A 204 19.71 -3.58 0.64
N PHE A 205 19.30 -4.74 1.14
CA PHE A 205 18.80 -5.84 0.27
C PHE A 205 17.57 -5.37 -0.51
N PHE A 206 16.60 -4.72 0.14
CA PHE A 206 15.36 -4.28 -0.55
C PHE A 206 15.73 -3.30 -1.67
N ASN A 207 16.63 -2.36 -1.40
CA ASN A 207 17.12 -1.41 -2.44
C ASN A 207 17.78 -2.18 -3.59
N SER A 208 18.48 -3.27 -3.30
CA SER A 208 19.20 -4.08 -4.32
CA SER A 208 19.20 -4.07 -4.33
C SER A 208 18.19 -4.68 -5.31
N PHE A 209 17.05 -5.17 -4.82
CA PHE A 209 15.99 -5.73 -5.69
C PHE A 209 15.52 -4.63 -6.67
N ALA A 210 15.27 -3.43 -6.16
CA ALA A 210 14.80 -2.29 -6.99
C ALA A 210 15.86 -1.98 -8.04
N LEU A 211 17.14 -1.97 -7.64
CA LEU A 211 18.25 -1.68 -8.58
C LEU A 211 18.28 -2.73 -9.69
N VAL A 212 18.03 -4.00 -9.39
CA VAL A 212 17.99 -5.06 -10.45
C VAL A 212 16.92 -4.68 -11.49
N GLN A 213 15.69 -4.38 -11.09
CA GLN A 213 14.63 -4.05 -12.10
C GLN A 213 15.07 -2.79 -12.86
N TYR A 214 15.52 -1.74 -12.16
CA TYR A 214 15.99 -0.50 -12.82
C TYR A 214 17.05 -0.84 -13.87
N LEU A 215 18.06 -1.62 -13.50
CA LEU A 215 19.20 -1.96 -14.41
C LEU A 215 18.69 -2.77 -15.60
N GLN A 216 17.78 -3.72 -15.35
CA GLN A 216 17.22 -4.60 -16.39
C GLN A 216 16.49 -3.75 -17.44
N TYR A 217 15.71 -2.76 -17.01
CA TYR A 217 14.78 -2.00 -17.89
C TYR A 217 15.50 -0.79 -18.49
N LYS A 218 16.59 -0.33 -17.87
CA LYS A 218 17.55 0.58 -18.56
C LYS A 218 18.27 -0.24 -19.63
N GLY A 219 18.60 -1.50 -19.33
CA GLY A 219 19.15 -2.49 -20.26
C GLY A 219 20.46 -2.06 -20.88
N LYS A 220 21.32 -1.38 -20.12
CA LYS A 220 22.64 -0.87 -20.56
C LYS A 220 23.74 -1.82 -20.09
N GLY A 221 24.85 -1.89 -20.84
CA GLY A 221 25.99 -2.79 -20.56
C GLY A 221 25.55 -4.25 -20.51
N LYS A 222 26.02 -4.99 -19.51
CA LYS A 222 25.76 -6.45 -19.36
C LYS A 222 24.27 -6.67 -19.05
N TRP A 223 23.55 -5.64 -18.59
CA TRP A 223 22.14 -5.75 -18.14
C TRP A 223 21.19 -5.73 -19.35
N SER A 224 21.72 -5.55 -20.56
CA SER A 224 20.98 -5.72 -21.84
C SER A 224 20.48 -7.15 -21.94
N ASN A 225 21.18 -8.09 -21.30
CA ASN A 225 20.80 -9.53 -21.23
C ASN A 225 19.89 -9.73 -20.00
N TYR A 226 18.58 -9.88 -20.23
CA TYR A 226 17.55 -10.02 -19.16
C TYR A 226 17.96 -11.10 -18.17
N LEU A 227 18.64 -12.15 -18.65
CA LEU A 227 18.96 -13.36 -17.85
C LEU A 227 19.90 -13.01 -16.70
N ARG A 228 20.72 -11.97 -16.87
CA ARG A 228 21.64 -11.46 -15.81
C ARG A 228 20.80 -11.01 -14.62
N GLY A 229 19.70 -10.30 -14.87
CA GLY A 229 18.76 -9.84 -13.82
C GLY A 229 18.07 -11.03 -13.16
N GLU A 230 17.61 -12.00 -13.95
CA GLU A 230 16.97 -13.23 -13.43
C GLU A 230 17.93 -13.89 -12.42
N ARG A 231 19.22 -13.99 -12.77
CA ARG A 231 20.24 -14.63 -11.88
C ARG A 231 20.41 -13.76 -10.63
N ALA A 232 20.51 -12.44 -10.81
CA ALA A 232 20.70 -11.47 -9.71
C ALA A 232 19.56 -11.61 -8.69
N TYR A 233 18.32 -11.69 -9.16
CA TYR A 233 17.13 -11.86 -8.29
C TYR A 233 17.26 -13.14 -7.45
N ILE A 234 17.68 -14.24 -8.07
CA ILE A 234 17.86 -15.54 -7.36
C ILE A 234 18.91 -15.37 -6.27
N VAL A 235 20.05 -14.74 -6.60
CA VAL A 235 21.15 -14.48 -5.63
C VAL A 235 20.59 -13.63 -4.49
N LEU A 236 19.90 -12.53 -4.81
CA LEU A 236 19.43 -11.58 -3.78
C LEU A 236 18.38 -12.24 -2.87
N SER A 237 17.45 -13.01 -3.44
CA SER A 237 16.39 -13.68 -2.63
C SER A 237 17.05 -14.73 -1.74
N LEU A 238 18.00 -15.50 -2.28
CA LEU A 238 18.77 -16.50 -1.50
C LEU A 238 19.45 -15.81 -0.31
N VAL A 239 20.22 -14.76 -0.56
CA VAL A 239 21.06 -14.10 0.49
C VAL A 239 20.17 -13.28 1.44
N ALA A 240 19.22 -12.50 0.92
CA ALA A 240 18.38 -11.60 1.77
C ALA A 240 17.60 -12.45 2.77
N LYS A 241 17.01 -13.55 2.29
CA LYS A 241 16.17 -14.38 3.14
C LYS A 241 17.02 -15.12 4.16
N SER A 242 18.17 -15.65 3.71
CA SER A 242 19.06 -16.35 4.61
C SER A 242 19.59 -15.39 5.68
N ALA A 243 19.95 -14.16 5.29
CA ALA A 243 20.48 -13.11 6.20
C ALA A 243 19.40 -12.74 7.23
N LEU A 244 18.17 -12.51 6.80
CA LEU A 244 17.11 -12.10 7.77
C LEU A 244 16.82 -13.28 8.72
N ALA A 245 16.69 -14.49 8.17
CA ALA A 245 16.37 -15.69 8.97
C ALA A 245 17.45 -15.85 10.05
N TRP A 246 18.73 -15.71 9.67
CA TRP A 246 19.85 -15.93 10.62
C TRP A 246 19.84 -14.83 11.70
N GLN A 247 19.64 -13.57 11.31
CA GLN A 247 19.66 -12.43 12.26
C GLN A 247 18.49 -12.54 13.23
N ILE A 248 17.29 -12.91 12.77
CA ILE A 248 16.12 -13.10 13.67
C ILE A 248 16.41 -14.31 14.58
N PHE A 249 16.91 -15.39 14.00
CA PHE A 249 17.20 -16.65 14.77
C PHE A 249 18.20 -16.31 15.88
N SER A 250 19.34 -15.73 15.50
CA SER A 250 20.46 -15.41 16.43
C SER A 250 20.00 -14.41 17.49
N GLY A 251 19.13 -13.45 17.12
CA GLY A 251 18.73 -12.34 17.99
C GLY A 251 17.61 -12.70 18.95
N THR A 252 16.72 -13.61 18.60
CA THR A 252 15.43 -13.78 19.33
C THR A 252 15.04 -15.25 19.54
N LEU A 253 15.56 -16.21 18.76
CA LEU A 253 14.95 -17.58 18.69
C LEU A 253 15.81 -18.61 19.43
N ILE A 254 16.97 -18.22 19.96
CA ILE A 254 17.87 -19.14 20.71
C ILE A 254 18.08 -18.57 22.11
N PRO A 255 18.30 -19.43 23.13
CA PRO A 255 18.60 -18.96 24.48
C PRO A 255 19.89 -18.13 24.51
N ALA A 256 20.82 -18.44 23.59
CA ALA A 256 22.12 -17.75 23.44
C ALA A 256 21.90 -16.32 22.94
N PRO B 4 -16.34 10.72 -29.77
CA PRO B 4 -16.69 11.83 -28.87
C PRO B 4 -16.66 13.19 -29.58
N THR B 5 -17.69 14.02 -29.36
CA THR B 5 -17.85 15.36 -29.98
C THR B 5 -17.12 16.41 -29.14
N VAL B 6 -16.55 17.43 -29.78
CA VAL B 6 -15.89 18.59 -29.11
C VAL B 6 -16.87 19.16 -28.07
N LYS B 7 -18.14 19.28 -28.46
CA LYS B 7 -19.26 19.74 -27.59
C LYS B 7 -19.33 18.85 -26.34
N GLU B 8 -19.21 17.53 -26.52
CA GLU B 8 -19.27 16.53 -25.42
C GLU B 8 -18.14 16.79 -24.42
N ILE B 9 -16.97 17.23 -24.92
CA ILE B 9 -15.75 17.50 -24.11
C ILE B 9 -15.91 18.84 -23.40
N LYS B 10 -16.37 19.87 -24.12
CA LYS B 10 -16.66 21.22 -23.56
C LYS B 10 -17.63 21.04 -22.39
N SER B 11 -18.60 20.13 -22.55
CA SER B 11 -19.60 19.75 -21.51
C SER B 11 -18.88 19.20 -20.27
N LEU B 12 -17.89 18.33 -20.46
CA LEU B 12 -17.17 17.68 -19.32
C LEU B 12 -16.28 18.73 -18.63
N GLN B 13 -15.67 19.62 -19.43
N GLN B 13 -15.70 19.64 -19.40
CA GLN B 13 -14.94 20.82 -18.96
CA GLN B 13 -14.92 20.78 -18.85
C GLN B 13 -15.84 21.60 -18.01
C GLN B 13 -15.83 21.65 -18.00
N ASN B 14 -17.07 21.90 -18.46
CA ASN B 14 -18.08 22.65 -17.69
C ASN B 14 -18.38 21.89 -16.40
N PHE B 15 -18.53 20.56 -16.47
CA PHE B 15 -18.91 19.73 -15.30
C PHE B 15 -17.75 19.74 -14.29
N ASN B 16 -16.50 19.68 -14.75
CA ASN B 16 -15.30 19.80 -13.88
C ASN B 16 -15.36 21.14 -13.14
N ARG B 17 -15.68 22.22 -13.86
CA ARG B 17 -15.74 23.58 -13.29
C ARG B 17 -16.79 23.62 -12.18
N ILE B 18 -17.99 23.08 -12.45
CA ILE B 18 -19.12 23.06 -11.47
C ILE B 18 -18.67 22.31 -10.23
N ALA B 19 -18.05 21.12 -10.38
CA ALA B 19 -17.53 20.34 -9.25
C ALA B 19 -16.51 21.18 -8.46
N GLY B 20 -15.59 21.84 -9.16
CA GLY B 20 -14.59 22.73 -8.54
C GLY B 20 -15.25 23.80 -7.68
N VAL B 21 -16.29 24.44 -8.19
CA VAL B 21 -16.93 25.57 -7.46
C VAL B 21 -17.60 25.03 -6.19
N PHE B 22 -18.31 23.91 -6.28
CA PHE B 22 -18.97 23.29 -5.10
C PHE B 22 -17.91 23.02 -4.02
N HIS B 23 -16.80 22.38 -4.40
CA HIS B 23 -15.77 21.95 -3.43
C HIS B 23 -15.05 23.16 -2.86
N LEU B 24 -14.80 24.18 -3.69
CA LEU B 24 -14.14 25.42 -3.22
C LEU B 24 -15.04 26.12 -2.17
N LEU B 25 -16.35 26.19 -2.42
CA LEU B 25 -17.30 26.86 -1.50
CA LEU B 25 -17.30 26.86 -1.50
C LEU B 25 -17.41 26.04 -0.21
N GLN B 26 -17.44 24.72 -0.30
N GLN B 26 -17.42 24.72 -0.30
CA GLN B 26 -17.50 23.83 0.89
CA GLN B 26 -17.52 23.85 0.90
C GLN B 26 -16.20 23.96 1.68
C GLN B 26 -16.20 23.94 1.68
N MET B 27 -15.07 24.04 0.99
CA MET B 27 -13.74 24.27 1.61
CA MET B 27 -13.73 24.28 1.61
C MET B 27 -13.79 25.57 2.43
N LEU B 28 -14.28 26.65 1.84
CA LEU B 28 -14.39 27.95 2.54
C LEU B 28 -15.25 27.78 3.80
N ALA B 29 -16.42 27.17 3.66
CA ALA B 29 -17.39 26.97 4.76
C ALA B 29 -16.71 26.20 5.90
N VAL B 30 -15.99 25.12 5.57
CA VAL B 30 -15.34 24.28 6.63
C VAL B 30 -14.25 25.11 7.32
N LEU B 31 -13.40 25.81 6.56
CA LEU B 31 -12.30 26.63 7.13
C LEU B 31 -12.90 27.69 8.05
N ALA B 32 -14.00 28.33 7.63
CA ALA B 32 -14.64 29.42 8.38
C ALA B 32 -15.34 28.88 9.65
N LEU B 33 -16.07 27.77 9.55
CA LEU B 33 -17.06 27.34 10.57
C LEU B 33 -16.51 26.27 11.51
N ALA B 34 -15.53 25.47 11.09
CA ALA B 34 -15.11 24.29 11.87
C ALA B 34 -14.42 24.71 13.17
N ASN B 35 -14.66 23.96 14.24
CA ASN B 35 -13.92 24.07 15.53
C ASN B 35 -12.50 23.50 15.34
N ASP B 36 -11.72 23.38 16.41
CA ASP B 36 -10.29 22.97 16.32
CA ASP B 36 -10.29 22.97 16.33
C ASP B 36 -10.14 21.50 16.72
N PHE B 37 -11.21 20.71 16.54
CA PHE B 37 -11.23 19.25 16.82
C PHE B 37 -10.00 18.62 16.15
N ALA B 38 -9.31 17.74 16.88
CA ALA B 38 -8.06 17.12 16.41
C ALA B 38 -8.05 15.65 16.80
N LEU B 39 -7.43 14.82 15.96
CA LEU B 39 -7.31 13.36 16.22
C LEU B 39 -5.83 13.00 16.25
N PRO B 40 -5.41 12.22 17.26
CA PRO B 40 -3.99 11.99 17.50
C PRO B 40 -3.38 10.93 16.58
N MET B 41 -2.10 11.13 16.27
CA MET B 41 -1.21 10.09 15.72
C MET B 41 -0.22 9.71 16.81
N THR B 42 -0.10 8.41 17.09
CA THR B 42 0.60 7.90 18.28
C THR B 42 1.77 6.99 17.90
N GLY B 43 2.70 6.88 18.84
CA GLY B 43 3.75 5.85 18.84
C GLY B 43 3.66 5.08 20.13
N THR B 44 3.71 3.76 20.04
CA THR B 44 3.67 2.84 21.20
C THR B 44 4.97 2.04 21.20
N TYR B 45 6.00 2.58 21.84
CA TYR B 45 7.41 2.14 21.69
C TYR B 45 7.74 1.05 22.71
N LEU B 46 8.57 0.11 22.28
CA LEU B 46 9.23 -0.84 23.22
C LEU B 46 9.99 -0.03 24.28
N ASN B 47 9.85 -0.43 25.54
CA ASN B 47 10.63 0.14 26.68
C ASN B 47 11.40 -1.00 27.33
N GLY B 48 11.63 -2.05 26.54
CA GLY B 48 12.46 -3.23 26.84
C GLY B 48 12.81 -3.92 25.53
N PRO B 49 13.56 -5.05 25.56
CA PRO B 49 13.93 -5.75 24.34
C PRO B 49 12.67 -6.18 23.58
N PRO B 50 12.76 -6.45 22.25
CA PRO B 50 11.65 -7.04 21.52
C PRO B 50 11.11 -8.24 22.29
N GLY B 51 9.79 -8.38 22.37
CA GLY B 51 9.10 -9.50 23.02
C GLY B 51 8.85 -9.26 24.50
N THR B 52 9.18 -8.07 25.03
CA THR B 52 8.92 -7.69 26.44
C THR B 52 7.89 -6.56 26.51
N THR B 53 8.27 -5.40 27.04
CA THR B 53 7.32 -4.38 27.54
C THR B 53 7.27 -3.17 26.60
N PHE B 54 6.11 -2.50 26.58
CA PHE B 54 5.87 -1.25 25.83
C PHE B 54 5.61 -0.10 26.80
N SER B 55 6.07 1.10 26.42
CA SER B 55 5.61 2.38 27.01
C SER B 55 4.13 2.57 26.67
N ALA B 56 3.42 3.34 27.49
CA ALA B 56 2.10 3.88 27.14
C ALA B 56 2.22 4.56 25.79
N PRO B 57 1.18 4.50 24.94
CA PRO B 57 1.14 5.29 23.72
C PRO B 57 1.39 6.77 24.02
N VAL B 58 2.15 7.43 23.15
CA VAL B 58 2.39 8.89 23.21
C VAL B 58 1.84 9.53 21.94
N VAL B 59 1.27 10.72 22.07
CA VAL B 59 0.81 11.51 20.90
C VAL B 59 2.02 12.17 20.25
N ILE B 60 2.29 11.84 18.99
CA ILE B 60 3.39 12.42 18.17
C ILE B 60 2.89 13.74 17.57
N LEU B 61 1.68 13.73 17.02
CA LEU B 61 1.07 14.94 16.46
C LEU B 61 -0.45 14.78 16.43
N GLU B 62 -1.14 15.87 16.16
CA GLU B 62 -2.62 15.94 16.14
C GLU B 62 -3.02 16.34 14.72
N THR B 63 -3.89 15.56 14.10
CA THR B 63 -4.52 15.94 12.81
C THR B 63 -5.54 17.03 13.07
N PRO B 64 -5.39 18.23 12.49
CA PRO B 64 -6.40 19.28 12.58
C PRO B 64 -7.51 18.91 11.59
N VAL B 65 -8.62 18.42 12.10
CA VAL B 65 -9.62 17.71 11.27
C VAL B 65 -10.26 18.70 10.29
N GLY B 66 -10.65 19.90 10.75
CA GLY B 66 -11.20 20.92 9.83
C GLY B 66 -10.25 21.22 8.68
N LEU B 67 -8.95 21.41 8.97
CA LEU B 67 -7.95 21.74 7.92
C LEU B 67 -7.81 20.54 6.97
N ALA B 68 -7.85 19.31 7.49
CA ALA B 68 -7.68 18.08 6.68
C ALA B 68 -8.87 17.92 5.74
N VAL B 69 -10.09 18.21 6.21
CA VAL B 69 -11.31 18.19 5.37
C VAL B 69 -11.16 19.26 4.28
N ALA B 70 -10.77 20.48 4.66
CA ALA B 70 -10.54 21.58 3.70
C ALA B 70 -9.50 21.15 2.66
N LEU B 71 -8.49 20.37 3.07
CA LEU B 71 -7.40 19.93 2.17
C LEU B 71 -7.95 18.99 1.09
N PHE B 72 -8.76 17.99 1.42
CA PHE B 72 -9.27 17.07 0.36
C PHE B 72 -10.26 17.83 -0.54
N LEU B 73 -11.06 18.76 -0.01
CA LEU B 73 -11.96 19.59 -0.84
C LEU B 73 -11.13 20.50 -1.75
N GLY B 74 -10.08 21.12 -1.21
CA GLY B 74 -9.19 22.03 -1.95
C GLY B 74 -8.43 21.33 -3.07
N LEU B 75 -7.91 20.14 -2.81
CA LEU B 75 -7.20 19.33 -3.85
C LEU B 75 -8.18 19.08 -5.01
N SER B 76 -9.40 18.67 -4.69
CA SER B 76 -10.47 18.44 -5.69
C SER B 76 -10.71 19.72 -6.50
N ALA B 77 -10.95 20.84 -5.83
CA ALA B 77 -11.20 22.14 -6.52
C ALA B 77 -10.01 22.42 -7.45
N LEU B 78 -8.78 22.31 -6.95
CA LEU B 78 -7.56 22.66 -7.71
C LEU B 78 -7.53 21.88 -9.03
N PHE B 79 -7.62 20.55 -8.97
CA PHE B 79 -7.43 19.69 -10.16
C PHE B 79 -8.64 19.84 -11.11
N HIS B 80 -9.86 19.96 -10.57
CA HIS B 80 -11.07 20.17 -11.42
C HIS B 80 -10.91 21.48 -12.19
N PHE B 81 -10.32 22.50 -11.57
CA PHE B 81 -10.12 23.82 -12.22
C PHE B 81 -9.00 23.69 -13.26
N ILE B 82 -7.92 23.00 -12.92
CA ILE B 82 -6.77 22.81 -13.86
C ILE B 82 -7.29 22.17 -15.15
N VAL B 83 -8.07 21.08 -15.07
CA VAL B 83 -8.49 20.29 -16.27
C VAL B 83 -9.58 21.04 -17.05
N SER B 84 -10.34 21.92 -16.41
CA SER B 84 -11.48 22.65 -17.02
C SER B 84 -10.97 23.85 -17.83
N SER B 85 -9.70 24.23 -17.61
CA SER B 85 -9.06 25.40 -18.27
CA SER B 85 -9.07 25.40 -18.27
C SER B 85 -9.02 25.20 -19.78
N GLY B 86 -9.31 26.26 -20.54
CA GLY B 86 -9.24 26.26 -22.02
C GLY B 86 -7.83 25.96 -22.49
N ASN B 87 -6.83 26.32 -21.67
CA ASN B 87 -5.38 26.14 -21.96
C ASN B 87 -5.00 24.65 -21.85
N PHE B 88 -5.84 23.86 -21.17
N PHE B 88 -5.84 23.85 -21.18
CA PHE B 88 -5.65 22.40 -20.95
CA PHE B 88 -5.63 22.39 -20.99
C PHE B 88 -6.66 21.61 -21.81
C PHE B 88 -6.64 21.60 -21.84
N PHE B 89 -7.56 22.31 -22.51
CA PHE B 89 -8.63 21.70 -23.33
C PHE B 89 -8.03 20.69 -24.33
N LYS B 90 -6.84 21.00 -24.87
CA LYS B 90 -6.12 20.13 -25.84
C LYS B 90 -5.59 18.89 -25.12
N ARG B 91 -4.86 19.09 -24.02
CA ARG B 91 -4.25 18.01 -23.18
C ARG B 91 -5.36 17.15 -22.58
N TYR B 92 -6.43 17.78 -22.09
CA TYR B 92 -7.62 17.12 -21.49
C TYR B 92 -8.30 16.27 -22.56
N SER B 93 -8.67 16.89 -23.69
CA SER B 93 -9.33 16.26 -24.86
C SER B 93 -8.47 15.11 -25.39
N ALA B 94 -7.16 15.32 -25.50
CA ALA B 94 -6.18 14.36 -26.07
C ALA B 94 -6.19 13.10 -25.20
N SER B 95 -5.99 13.26 -23.89
CA SER B 95 -6.01 12.17 -22.89
C SER B 95 -7.35 11.42 -22.96
N LEU B 96 -8.48 12.15 -22.94
CA LEU B 96 -9.83 11.55 -22.98
C LEU B 96 -9.98 10.71 -24.25
N MET B 97 -9.37 11.17 -25.35
CA MET B 97 -9.36 10.49 -26.67
C MET B 97 -8.66 9.14 -26.54
N LYS B 98 -7.68 9.05 -25.62
CA LYS B 98 -6.88 7.82 -25.37
C LYS B 98 -7.45 7.06 -24.15
N ASN B 99 -8.66 7.39 -23.71
CA ASN B 99 -9.32 6.71 -22.56
C ASN B 99 -8.44 6.86 -21.32
N GLN B 100 -7.91 8.06 -21.07
CA GLN B 100 -7.05 8.34 -19.90
C GLN B 100 -7.42 9.70 -19.29
N ASN B 101 -7.29 9.80 -17.96
CA ASN B 101 -7.34 11.09 -17.24
C ASN B 101 -6.29 11.03 -16.11
N ILE B 102 -5.06 11.44 -16.43
CA ILE B 102 -3.91 11.37 -15.46
C ILE B 102 -4.16 12.35 -14.31
N PHE B 103 -4.71 13.54 -14.57
N PHE B 103 -4.70 13.53 -14.60
CA PHE B 103 -4.94 14.55 -13.50
CA PHE B 103 -5.01 14.58 -13.59
C PHE B 103 -5.94 14.02 -12.47
C PHE B 103 -5.92 14.00 -12.49
N ARG B 104 -6.89 13.19 -12.90
CA ARG B 104 -7.87 12.55 -11.97
C ARG B 104 -7.09 11.67 -10.99
N TRP B 105 -6.18 10.85 -11.49
CA TRP B 105 -5.43 9.90 -10.63
C TRP B 105 -4.47 10.68 -9.73
N VAL B 106 -3.78 11.69 -10.25
CA VAL B 106 -2.87 12.52 -9.40
C VAL B 106 -3.71 13.09 -8.26
N GLU B 107 -4.86 13.68 -8.55
CA GLU B 107 -5.72 14.28 -7.50
C GLU B 107 -6.14 13.17 -6.51
N TYR B 108 -6.73 12.10 -7.00
CA TYR B 108 -7.31 11.03 -6.15
C TYR B 108 -6.22 10.42 -5.25
N SER B 109 -5.00 10.28 -5.78
CA SER B 109 -3.87 9.63 -5.04
C SER B 109 -3.62 10.37 -3.73
N LEU B 110 -3.88 11.68 -3.72
CA LEU B 110 -3.70 12.55 -2.53
C LEU B 110 -5.03 12.69 -1.78
N SER B 111 -6.10 13.08 -2.47
CA SER B 111 -7.37 13.48 -1.80
C SER B 111 -8.05 12.26 -1.17
N SER B 112 -8.16 11.14 -1.90
CA SER B 112 -8.84 9.94 -1.37
C SER B 112 -8.01 9.35 -0.22
N SER B 113 -6.68 9.55 -0.24
CA SER B 113 -5.75 9.04 0.80
C SER B 113 -5.91 9.87 2.07
N VAL B 114 -6.05 11.19 1.95
CA VAL B 114 -6.38 12.06 3.11
C VAL B 114 -7.71 11.59 3.70
N MET B 115 -8.71 11.33 2.85
CA MET B 115 -10.07 10.94 3.29
C MET B 115 -10.01 9.63 4.11
N ILE B 116 -9.36 8.59 3.60
CA ILE B 116 -9.36 7.27 4.29
C ILE B 116 -8.54 7.37 5.58
N VAL B 117 -7.50 8.20 5.62
CA VAL B 117 -6.75 8.41 6.89
C VAL B 117 -7.70 9.06 7.91
N LEU B 118 -8.47 10.07 7.50
CA LEU B 118 -9.42 10.75 8.42
C LEU B 118 -10.45 9.75 8.92
N ILE B 119 -10.99 8.92 8.04
CA ILE B 119 -12.00 7.89 8.42
C ILE B 119 -11.36 6.94 9.44
N ALA B 120 -10.13 6.49 9.17
CA ALA B 120 -9.40 5.59 10.08
C ALA B 120 -9.27 6.25 11.46
N GLN B 121 -8.90 7.52 11.51
CA GLN B 121 -8.72 8.24 12.80
C GLN B 121 -10.08 8.38 13.50
N ILE B 122 -11.14 8.65 12.76
CA ILE B 122 -12.51 8.76 13.33
C ILE B 122 -12.90 7.42 13.96
N CYS B 123 -12.40 6.31 13.44
CA CYS B 123 -12.67 4.94 13.97
C CYS B 123 -11.74 4.62 15.15
N GLY B 124 -10.77 5.49 15.47
CA GLY B 124 -9.86 5.29 16.62
C GLY B 124 -8.51 4.73 16.22
N ILE B 125 -8.25 4.51 14.92
CA ILE B 125 -6.88 4.12 14.48
C ILE B 125 -6.00 5.37 14.68
N ALA B 126 -4.89 5.22 15.42
CA ALA B 126 -4.04 6.37 15.82
C ALA B 126 -2.56 6.09 15.54
N ASP B 127 -2.14 4.82 15.55
CA ASP B 127 -0.71 4.51 15.34
C ASP B 127 -0.22 5.19 14.05
N ILE B 128 0.88 5.93 14.13
CA ILE B 128 1.32 6.79 13.00
C ILE B 128 1.71 5.91 11.81
N VAL B 129 2.24 4.71 12.06
CA VAL B 129 2.62 3.79 10.97
C VAL B 129 1.34 3.21 10.35
N ALA B 130 0.31 2.90 11.14
CA ALA B 130 -1.00 2.48 10.61
C ALA B 130 -1.50 3.55 9.62
N LEU B 131 -1.47 4.81 10.00
CA LEU B 131 -2.05 5.90 9.17
C LEU B 131 -1.17 6.14 7.94
N LEU B 132 0.15 6.08 8.10
CA LEU B 132 1.10 6.27 6.98
C LEU B 132 0.89 5.14 5.96
N ALA B 133 0.80 3.89 6.43
CA ALA B 133 0.70 2.72 5.54
C ALA B 133 -0.69 2.68 4.89
N ILE B 134 -1.74 3.10 5.61
CA ILE B 134 -3.09 3.26 5.00
C ILE B 134 -2.97 4.30 3.87
N PHE B 135 -2.32 5.44 4.09
CA PHE B 135 -2.14 6.47 3.03
C PHE B 135 -1.47 5.81 1.82
N GLY B 136 -0.37 5.08 2.05
CA GLY B 136 0.44 4.47 0.99
C GLY B 136 -0.32 3.41 0.21
N VAL B 137 -1.07 2.54 0.89
CA VAL B 137 -1.77 1.42 0.21
C VAL B 137 -2.98 2.00 -0.55
N ASN B 138 -3.60 3.04 -0.03
CA ASN B 138 -4.72 3.71 -0.72
C ASN B 138 -4.18 4.43 -1.97
N ALA B 139 -3.06 5.14 -1.84
CA ALA B 139 -2.41 5.79 -3.02
C ALA B 139 -2.10 4.70 -4.05
N SER B 140 -1.63 3.53 -3.61
CA SER B 140 -1.26 2.42 -4.52
C SER B 140 -2.50 1.97 -5.30
N MET B 141 -3.64 1.83 -4.63
CA MET B 141 -4.94 1.51 -5.28
C MET B 141 -5.16 2.47 -6.47
N ILE B 142 -5.03 3.78 -6.23
CA ILE B 142 -5.20 4.79 -7.31
C ILE B 142 -4.16 4.58 -8.43
N LEU B 143 -2.90 4.36 -8.08
CA LEU B 143 -1.82 4.20 -9.08
C LEU B 143 -2.06 2.96 -9.94
N PHE B 144 -2.67 1.90 -9.38
CA PHE B 144 -3.05 0.70 -10.16
C PHE B 144 -4.15 1.08 -11.18
N GLY B 145 -5.11 1.89 -10.76
CA GLY B 145 -6.18 2.39 -11.65
C GLY B 145 -5.59 3.18 -12.81
N TRP B 146 -4.58 4.00 -12.52
CA TRP B 146 -3.84 4.77 -13.55
C TRP B 146 -3.19 3.80 -14.54
N LEU B 147 -2.56 2.73 -14.06
CA LEU B 147 -1.86 1.76 -14.95
C LEU B 147 -2.90 0.99 -15.79
N GLN B 148 -4.08 0.71 -15.25
CA GLN B 148 -5.18 0.09 -16.04
C GLN B 148 -5.45 0.96 -17.27
N GLU B 149 -5.65 2.26 -17.07
CA GLU B 149 -5.89 3.22 -18.19
C GLU B 149 -4.67 3.31 -19.10
N LYS B 150 -3.46 3.29 -18.55
CA LYS B 150 -2.25 3.56 -19.35
C LYS B 150 -2.00 2.39 -20.31
N TYR B 151 -2.16 1.14 -19.86
CA TYR B 151 -1.60 -0.02 -20.59
C TYR B 151 -2.67 -0.88 -21.25
N THR B 152 -3.94 -0.77 -20.87
CA THR B 152 -5.00 -1.66 -21.41
C THR B 152 -5.97 -0.85 -22.25
N GLN B 153 -6.77 -1.56 -23.05
CA GLN B 153 -7.89 -0.99 -23.83
C GLN B 153 -9.19 -1.59 -23.30
N PRO B 154 -10.27 -0.80 -23.22
CA PRO B 154 -11.59 -1.37 -22.94
C PRO B 154 -11.84 -2.57 -23.88
N LYS B 155 -12.37 -3.65 -23.32
CA LYS B 155 -12.86 -4.87 -24.04
C LYS B 155 -11.72 -5.84 -24.38
N ASP B 156 -10.48 -5.58 -23.95
CA ASP B 156 -9.31 -6.44 -24.27
C ASP B 156 -9.24 -7.64 -23.32
N GLY B 157 -10.07 -7.68 -22.28
CA GLY B 157 -10.13 -8.82 -21.34
C GLY B 157 -9.04 -8.75 -20.28
N ASP B 158 -8.28 -7.66 -20.24
CA ASP B 158 -7.17 -7.48 -19.28
C ASP B 158 -7.59 -6.50 -18.17
N LEU B 159 -7.87 -7.03 -16.99
CA LEU B 159 -8.24 -6.24 -15.78
C LEU B 159 -7.16 -6.43 -14.71
N LEU B 160 -5.95 -6.87 -15.07
CA LEU B 160 -4.96 -7.22 -14.01
C LEU B 160 -4.65 -6.00 -13.14
N PRO B 161 -4.34 -4.81 -13.69
CA PRO B 161 -4.06 -3.65 -12.84
C PRO B 161 -5.26 -3.29 -11.97
N PHE B 162 -6.46 -3.36 -12.53
CA PHE B 162 -7.72 -3.12 -11.79
C PHE B 162 -7.81 -4.05 -10.58
N TRP B 163 -7.57 -5.35 -10.77
CA TRP B 163 -7.68 -6.34 -9.67
C TRP B 163 -6.60 -6.05 -8.61
N PHE B 164 -5.40 -5.68 -9.02
CA PHE B 164 -4.33 -5.26 -8.07
C PHE B 164 -4.83 -4.04 -7.27
N GLY B 165 -5.48 -3.10 -7.94
CA GLY B 165 -6.04 -1.92 -7.27
C GLY B 165 -7.06 -2.29 -6.22
N CYS B 166 -7.88 -3.31 -6.52
CA CYS B 166 -8.90 -3.84 -5.58
C CYS B 166 -8.20 -4.46 -4.36
N ILE B 167 -7.11 -5.20 -4.57
CA ILE B 167 -6.36 -5.86 -3.46
C ILE B 167 -5.81 -4.77 -2.56
N ALA B 168 -5.10 -3.79 -3.12
CA ALA B 168 -4.56 -2.66 -2.34
C ALA B 168 -5.72 -1.89 -1.68
N GLY B 169 -6.77 -1.60 -2.45
CA GLY B 169 -7.87 -0.72 -2.05
C GLY B 169 -8.65 -1.23 -0.86
N ILE B 170 -8.79 -2.55 -0.72
CA ILE B 170 -9.66 -3.15 0.33
C ILE B 170 -8.93 -3.13 1.67
N VAL B 171 -7.60 -3.00 1.68
CA VAL B 171 -6.79 -3.17 2.91
C VAL B 171 -7.21 -2.16 3.99
N PRO B 172 -7.33 -0.85 3.72
CA PRO B 172 -7.72 0.08 4.79
C PRO B 172 -9.10 -0.26 5.39
N TRP B 173 -10.00 -0.77 4.55
CA TRP B 173 -11.38 -1.10 4.95
C TRP B 173 -11.38 -2.34 5.84
N ILE B 174 -10.53 -3.33 5.56
CA ILE B 174 -10.34 -4.46 6.50
C ILE B 174 -9.86 -3.89 7.83
N GLY B 175 -8.93 -2.92 7.78
CA GLY B 175 -8.43 -2.22 8.98
C GLY B 175 -9.57 -1.59 9.77
N LEU B 176 -10.45 -0.82 9.12
CA LEU B 176 -11.61 -0.17 9.77
C LEU B 176 -12.47 -1.24 10.42
N LEU B 177 -12.76 -2.33 9.70
CA LEU B 177 -13.65 -3.41 10.18
C LEU B 177 -13.05 -4.02 11.45
N ILE B 178 -11.74 -4.24 11.49
CA ILE B 178 -11.06 -4.80 12.67
C ILE B 178 -11.29 -3.85 13.86
N TYR B 179 -11.13 -2.55 13.66
CA TYR B 179 -11.24 -1.55 14.75
C TYR B 179 -12.68 -1.40 15.23
N VAL B 180 -13.68 -1.53 14.35
CA VAL B 180 -15.11 -1.42 14.77
C VAL B 180 -15.53 -2.71 15.49
N ILE B 181 -15.05 -3.88 15.06
CA ILE B 181 -15.30 -5.16 15.78
C ILE B 181 -14.54 -5.14 17.12
N ALA B 182 -13.31 -4.63 17.12
CA ALA B 182 -12.45 -4.43 18.30
C ALA B 182 -12.22 -5.76 19.01
N PRO B 183 -11.63 -6.75 18.31
CA PRO B 183 -11.32 -8.04 18.92
C PRO B 183 -10.39 -7.87 20.13
N GLY B 184 -10.65 -8.64 21.20
CA GLY B 184 -9.85 -8.64 22.43
C GLY B 184 -10.12 -7.43 23.32
N SER B 185 -11.07 -6.56 22.96
CA SER B 185 -11.40 -5.33 23.73
C SER B 185 -11.87 -5.73 25.13
N THR B 186 -11.49 -4.97 26.16
CA THR B 186 -11.83 -5.23 27.58
C THR B 186 -13.34 -5.01 27.78
N SER B 187 -13.91 -4.05 27.06
CA SER B 187 -15.34 -3.64 27.14
C SER B 187 -15.93 -3.57 25.72
N ASP B 188 -17.26 -3.57 25.62
CA ASP B 188 -18.01 -3.39 24.34
C ASP B 188 -18.35 -1.91 24.18
N VAL B 189 -17.34 -1.07 23.91
CA VAL B 189 -17.50 0.40 23.73
C VAL B 189 -18.30 0.63 22.44
N ALA B 190 -19.36 1.44 22.52
CA ALA B 190 -20.26 1.76 21.39
C ALA B 190 -19.54 2.67 20.40
N VAL B 191 -19.55 2.28 19.12
CA VAL B 191 -19.12 3.16 17.99
C VAL B 191 -20.30 4.09 17.72
N PRO B 192 -20.12 5.42 17.70
CA PRO B 192 -21.24 6.34 17.46
C PRO B 192 -21.91 6.08 16.11
N GLY B 193 -23.23 6.29 16.05
CA GLY B 193 -24.03 6.17 14.82
C GLY B 193 -23.40 6.93 13.67
N PHE B 194 -22.92 8.15 13.91
CA PHE B 194 -22.40 9.01 12.82
C PHE B 194 -21.13 8.37 12.24
N VAL B 195 -20.37 7.65 13.06
CA VAL B 195 -19.15 6.94 12.60
C VAL B 195 -19.56 5.80 11.66
N TYR B 196 -20.54 4.98 12.05
CA TYR B 196 -21.12 3.94 11.15
C TYR B 196 -21.59 4.60 9.85
N GLY B 197 -22.27 5.75 9.93
CA GLY B 197 -22.76 6.45 8.73
C GLY B 197 -21.61 6.77 7.80
N ILE B 198 -20.51 7.27 8.35
CA ILE B 198 -19.30 7.65 7.56
C ILE B 198 -18.70 6.39 6.92
N ILE B 199 -18.46 5.33 7.68
CA ILE B 199 -17.77 4.10 7.18
CA ILE B 199 -17.74 4.16 7.11
C ILE B 199 -18.62 3.47 6.08
N ILE B 200 -19.91 3.31 6.35
CA ILE B 200 -20.83 2.60 5.41
C ILE B 200 -21.02 3.44 4.15
N SER B 201 -21.33 4.74 4.27
CA SER B 201 -21.55 5.59 3.08
C SER B 201 -20.27 5.66 2.24
N LEU B 202 -19.11 5.87 2.86
CA LEU B 202 -17.87 6.05 2.05
C LEU B 202 -17.38 4.69 1.52
N PHE B 203 -17.67 3.59 2.19
CA PHE B 203 -17.37 2.24 1.65
C PHE B 203 -18.15 2.06 0.34
N LEU B 204 -19.43 2.45 0.34
CA LEU B 204 -20.29 2.35 -0.86
CA LEU B 204 -20.30 2.36 -0.87
C LEU B 204 -19.73 3.27 -1.96
N PHE B 205 -19.33 4.49 -1.62
CA PHE B 205 -18.75 5.42 -2.62
C PHE B 205 -17.45 4.83 -3.19
N PHE B 206 -16.58 4.28 -2.34
CA PHE B 206 -15.27 3.74 -2.79
C PHE B 206 -15.54 2.59 -3.76
N ASN B 207 -16.50 1.72 -3.43
CA ASN B 207 -16.89 0.60 -4.33
C ASN B 207 -17.41 1.17 -5.65
N SER B 208 -18.11 2.29 -5.62
CA SER B 208 -18.71 2.92 -6.83
CA SER B 208 -18.71 2.91 -6.83
C SER B 208 -17.61 3.34 -7.80
N PHE B 209 -16.52 3.92 -7.30
CA PHE B 209 -15.35 4.30 -8.14
C PHE B 209 -14.80 3.06 -8.85
N ALA B 210 -14.62 1.96 -8.11
CA ALA B 210 -14.08 0.71 -8.68
C ALA B 210 -15.04 0.22 -9.77
N LEU B 211 -16.35 0.27 -9.50
CA LEU B 211 -17.35 -0.20 -10.48
C LEU B 211 -17.25 0.63 -11.78
N VAL B 212 -17.01 1.94 -11.69
CA VAL B 212 -16.86 2.77 -12.92
C VAL B 212 -15.73 2.19 -13.76
N GLN B 213 -14.53 1.96 -13.18
CA GLN B 213 -13.41 1.47 -14.01
C GLN B 213 -13.78 0.08 -14.55
N TYR B 214 -14.34 -0.79 -13.72
CA TYR B 214 -14.74 -2.15 -14.16
C TYR B 214 -15.67 -2.02 -15.37
N LEU B 215 -16.70 -1.18 -15.25
CA LEU B 215 -17.72 -1.02 -16.33
C LEU B 215 -17.06 -0.47 -17.60
N GLN B 216 -16.12 0.46 -17.46
CA GLN B 216 -15.43 1.08 -18.61
C GLN B 216 -14.61 0.02 -19.37
N TYR B 217 -13.92 -0.86 -18.65
CA TYR B 217 -12.94 -1.79 -19.26
C TYR B 217 -13.61 -3.11 -19.64
N LYS B 218 -14.78 -3.43 -19.07
CA LYS B 218 -15.70 -4.44 -19.66
C LYS B 218 -16.31 -3.83 -20.93
N GLY B 219 -16.59 -2.52 -20.91
CA GLY B 219 -16.96 -1.72 -22.10
C GLY B 219 -18.28 -2.17 -22.74
N LYS B 220 -19.19 -2.74 -21.94
CA LYS B 220 -20.52 -3.22 -22.41
C LYS B 220 -21.58 -2.15 -22.12
N GLY B 221 -22.62 -2.10 -22.96
CA GLY B 221 -23.71 -1.09 -22.86
C GLY B 221 -23.17 0.30 -23.13
N LYS B 222 -23.74 1.31 -22.46
CA LYS B 222 -23.42 2.75 -22.66
C LYS B 222 -21.99 3.03 -22.19
N TRP B 223 -21.38 2.12 -21.43
CA TRP B 223 -20.04 2.32 -20.80
C TRP B 223 -18.94 2.13 -21.85
N SER B 224 -19.30 1.65 -23.04
CA SER B 224 -18.40 1.61 -24.23
C SER B 224 -17.97 3.02 -24.59
N ASN B 225 -18.74 4.03 -24.17
CA ASN B 225 -18.39 5.46 -24.33
C ASN B 225 -17.62 5.91 -23.08
N TYR B 226 -16.31 6.11 -23.22
CA TYR B 226 -15.39 6.45 -22.09
C TYR B 226 -15.85 7.72 -21.38
N LEU B 227 -16.42 8.68 -22.12
CA LEU B 227 -16.82 10.00 -21.58
C LEU B 227 -17.90 9.82 -20.51
N ARG B 228 -18.68 8.74 -20.60
CA ARG B 228 -19.74 8.42 -19.60
C ARG B 228 -19.06 8.14 -18.25
N GLY B 229 -17.96 7.40 -18.26
CA GLY B 229 -17.17 7.09 -17.06
C GLY B 229 -16.49 8.33 -16.53
N GLU B 230 -15.91 9.15 -17.40
CA GLU B 230 -15.30 10.46 -17.03
C GLU B 230 -16.37 11.25 -16.26
N ARG B 231 -17.60 11.31 -16.76
CA ARG B 231 -18.72 12.06 -16.11
C ARG B 231 -19.05 11.41 -14.76
N ALA B 232 -19.12 10.07 -14.71
CA ALA B 232 -19.46 9.31 -13.49
C ALA B 232 -18.43 9.62 -12.39
N TYR B 233 -17.15 9.63 -12.74
CA TYR B 233 -16.04 9.93 -11.80
C TYR B 233 -16.22 11.34 -11.21
N ILE B 234 -16.53 12.33 -12.05
CA ILE B 234 -16.76 13.73 -11.57
C ILE B 234 -17.92 13.72 -10.56
N VAL B 235 -19.04 13.07 -10.90
CA VAL B 235 -20.25 12.99 -10.03
C VAL B 235 -19.88 12.31 -8.71
N LEU B 236 -19.18 11.18 -8.78
CA LEU B 236 -18.82 10.41 -7.57
C LEU B 236 -17.87 11.23 -6.67
N SER B 237 -16.87 11.89 -7.25
CA SER B 237 -15.88 12.66 -6.46
C SER B 237 -16.62 13.86 -5.85
N LEU B 238 -17.51 14.49 -6.61
CA LEU B 238 -18.33 15.62 -6.11
C LEU B 238 -19.14 15.15 -4.89
N VAL B 239 -19.95 14.10 -5.06
CA VAL B 239 -20.88 13.64 -4.00
C VAL B 239 -20.11 12.99 -2.84
N ALA B 240 -19.13 12.13 -3.11
CA ALA B 240 -18.38 11.42 -2.04
C ALA B 240 -17.69 12.43 -1.12
N LYS B 241 -17.02 13.41 -1.72
CA LYS B 241 -16.26 14.36 -0.93
C LYS B 241 -17.19 15.27 -0.13
N SER B 242 -18.28 15.72 -0.77
CA SER B 242 -19.23 16.58 -0.09
C SER B 242 -19.88 15.81 1.06
N ALA B 243 -20.23 14.53 0.84
CA ALA B 243 -20.87 13.65 1.85
C ALA B 243 -19.92 13.44 3.03
N LEU B 244 -18.66 13.13 2.77
CA LEU B 244 -17.70 12.91 3.89
C LEU B 244 -17.50 14.22 4.64
N ALA B 245 -17.30 15.33 3.94
CA ALA B 245 -17.04 16.65 4.56
C ALA B 245 -18.22 17.00 5.48
N TRP B 246 -19.45 16.84 4.99
CA TRP B 246 -20.67 17.16 5.77
C TRP B 246 -20.76 16.26 7.00
N GLN B 247 -20.53 14.96 6.84
CA GLN B 247 -20.67 13.99 7.95
C GLN B 247 -19.61 14.27 9.01
N ILE B 248 -18.38 14.55 8.62
CA ILE B 248 -17.29 14.86 9.59
C ILE B 248 -17.63 16.17 10.29
N PHE B 249 -18.05 17.19 9.52
CA PHE B 249 -18.39 18.52 10.07
C PHE B 249 -19.50 18.37 11.12
N SER B 250 -20.60 17.72 10.75
CA SER B 250 -21.80 17.54 11.61
C SER B 250 -21.42 16.70 12.84
N GLY B 251 -20.60 15.68 12.65
CA GLY B 251 -20.23 14.71 13.69
C GLY B 251 -19.25 15.29 14.70
N THR B 252 -18.33 16.16 14.30
CA THR B 252 -17.14 16.49 15.14
C THR B 252 -16.77 17.98 15.14
N LEU B 253 -17.20 18.81 14.19
CA LEU B 253 -16.58 20.15 13.99
C LEU B 253 -17.48 21.29 14.45
N ILE B 254 -18.63 21.01 15.08
CA ILE B 254 -19.65 22.05 15.45
C ILE B 254 -19.31 22.69 16.80
N PRO B 255 -19.27 21.91 17.90
CA PRO B 255 -19.14 22.48 19.24
C PRO B 255 -17.85 23.29 19.42
N ALA B 256 -17.93 24.42 20.14
CA ALA B 256 -16.76 25.25 20.53
C ALA B 256 -15.90 24.46 21.52
N LEU B 257 -14.60 24.34 21.25
CA LEU B 257 -13.61 23.65 22.13
C LEU B 257 -12.67 24.69 22.74
#